data_5I8C
#
_entry.id   5I8C
#
_cell.length_a   63.471
_cell.length_b   74.895
_cell.length_c   84.462
_cell.angle_alpha   90.000
_cell.angle_beta   90.000
_cell.angle_gamma   90.000
#
_symmetry.space_group_name_H-M   'P 21 21 21'
#
loop_
_entity.id
_entity.type
_entity.pdbx_description
1 polymer 'VRC34.01 Fab heavy chain'
2 polymer 'VRC34.01 Fab light chain'
3 polymer 'HIV-1 Clade A BG505 Fusion Peptide (residue 512-520)'
4 water water
#
loop_
_entity_poly.entity_id
_entity_poly.type
_entity_poly.pdbx_seq_one_letter_code
_entity_poly.pdbx_strand_id
1 'polypeptide(L)'
;QEVLVQSGAEVKKPGASVKVSCRAFGYTFTGNALHWVRQAPGQGLEWLGWINPHSGDTTTSQKFQGRVYMTRDKSINTAF
LDVTRLTSDDTGIYYCARDKYYGNEAVGMDVWGQGTSVTVSSASTKGPSVFPLAPSSKSTSGGTAALGCLVKDYFPEPVT
VSWNSGALTSGVHTFPAVLQSSGLYSLSSVVTVPSSSLGTQTYICNVNHKPSNTKVDKKVEPK
;
A
2 'polypeptide(L)'
;DIQLTQSPSFLSASVGDKVTITCRASQGVRNELAWYQQKPGKAPNLLIYYASTLQSGVPSRFSATGSGTHFTLTVSSLQP
EDFATYFCQHMSSYPLTFGGGTKVEIKRTVAAPSVFIFPPSDEQLKSGTASVVCLLNNFYPREAKVQWKVDNALQSGNSQ
ESVTEQDSKDSTYSLSSTLTLSKADYEKHKVYACEVTHQGLSSPVTKSFNRG
;
B
3 'polypeptide(L)' AVGIGAVFL C
#
# COMPACT_ATOMS: atom_id res chain seq x y z
N GLN A 1 2.07 0.32 26.96
CA GLN A 1 3.42 0.60 27.45
C GLN A 1 4.43 -0.18 26.63
N GLU A 2 4.07 -1.38 26.16
CA GLU A 2 5.07 -2.24 25.53
C GLU A 2 5.10 -1.92 24.03
N VAL A 3 6.21 -1.30 23.61
CA VAL A 3 6.29 -0.74 22.26
C VAL A 3 7.68 -0.91 21.71
N LEU A 4 7.76 -0.91 20.38
CA LEU A 4 9.03 -0.91 19.67
C LEU A 4 9.06 0.31 18.77
N VAL A 5 10.12 1.11 18.88
CA VAL A 5 10.25 2.30 18.06
C VAL A 5 11.44 2.15 17.12
N GLN A 6 11.18 2.32 15.83
CA GLN A 6 12.18 2.08 14.79
C GLN A 6 12.71 3.39 14.24
N SER A 7 13.91 3.31 13.69
CA SER A 7 14.55 4.45 13.05
C SER A 7 13.82 4.88 11.77
N GLY A 8 14.11 6.09 11.30
CA GLY A 8 13.40 6.69 10.19
C GLY A 8 13.71 6.14 8.80
N ALA A 9 12.92 6.57 7.82
CA ALA A 9 13.06 6.12 6.44
C ALA A 9 14.46 6.33 5.87
N GLU A 10 14.85 5.45 4.97
CA GLU A 10 16.17 5.53 4.34
C GLU A 10 16.11 5.29 2.84
N VAL A 11 17.03 5.92 2.14
CA VAL A 11 17.30 5.66 0.73
C VAL A 11 18.74 5.17 0.65
N LYS A 12 18.98 4.11 -0.11
CA LYS A 12 20.34 3.69 -0.41
C LYS A 12 20.46 3.30 -1.86
N LYS A 13 21.66 3.39 -2.42
CA LYS A 13 21.92 2.95 -3.79
C LYS A 13 22.19 1.45 -3.84
N PRO A 14 21.98 0.84 -5.02
CA PRO A 14 22.28 -0.59 -5.16
C PRO A 14 23.73 -0.89 -4.79
N GLY A 15 23.91 -2.03 -4.12
CA GLY A 15 25.23 -2.50 -3.72
C GLY A 15 25.62 -2.03 -2.33
N ALA A 16 24.95 -0.99 -1.84
CA ALA A 16 25.26 -0.45 -0.53
C ALA A 16 24.60 -1.28 0.57
N SER A 17 24.75 -0.80 1.80
CA SER A 17 24.17 -1.42 3.00
C SER A 17 23.34 -0.41 3.76
N VAL A 18 22.31 -0.89 4.43
CA VAL A 18 21.47 -0.06 5.28
C VAL A 18 21.40 -0.67 6.69
N LYS A 19 21.46 0.18 7.71
CA LYS A 19 21.34 -0.27 9.09
C LYS A 19 20.12 0.39 9.70
N VAL A 20 19.17 -0.43 10.14
CA VAL A 20 17.98 0.10 10.77
C VAL A 20 17.98 -0.34 12.23
N SER A 21 17.42 0.50 13.11
CA SER A 21 17.37 0.19 14.53
C SER A 21 15.95 0.10 15.07
N CYS A 22 15.83 -0.62 16.17
CA CYS A 22 14.56 -0.86 16.81
C CYS A 22 14.76 -0.86 18.32
N ARG A 23 14.16 0.10 19.02
CA ARG A 23 14.36 0.19 20.47
C ARG A 23 13.09 -0.20 21.22
N ALA A 24 13.26 -1.03 22.25
CA ALA A 24 12.17 -1.56 23.06
C ALA A 24 11.90 -0.69 24.27
N PHE A 25 10.63 -0.36 24.50
CA PHE A 25 10.20 0.37 25.69
C PHE A 25 9.09 -0.40 26.41
N GLY A 26 9.03 -0.26 27.73
CA GLY A 26 7.90 -0.76 28.50
C GLY A 26 7.92 -2.24 28.82
N TYR A 27 9.04 -2.91 28.52
CA TYR A 27 9.24 -4.29 28.94
C TYR A 27 10.72 -4.60 28.95
N THR A 28 11.10 -5.79 29.43
CA THR A 28 12.50 -6.12 29.50
C THR A 28 12.94 -6.67 28.13
N PHE A 29 13.82 -5.91 27.49
CA PHE A 29 14.31 -6.18 26.15
C PHE A 29 14.86 -7.58 25.99
N THR A 30 15.55 -8.05 27.02
CA THR A 30 16.21 -9.34 26.96
C THR A 30 15.27 -10.51 27.26
N GLY A 31 13.98 -10.22 27.45
CA GLY A 31 13.03 -11.25 27.82
C GLY A 31 12.27 -11.94 26.69
N ASN A 32 12.47 -11.47 25.45
CA ASN A 32 11.71 -12.01 24.31
C ASN A 32 12.55 -12.03 23.03
N ALA A 33 12.45 -13.10 22.25
CA ALA A 33 13.07 -13.11 20.93
C ALA A 33 12.46 -12.02 20.07
N LEU A 34 13.23 -11.53 19.11
CA LEU A 34 12.77 -10.44 18.24
C LEU A 34 12.97 -10.81 16.77
N HIS A 35 11.90 -10.65 15.99
CA HIS A 35 11.88 -10.96 14.56
C HIS A 35 12.08 -9.74 13.71
N TRP A 36 12.62 -9.94 12.51
CA TRP A 36 12.55 -8.93 11.47
C TRP A 36 11.77 -9.48 10.27
N VAL A 37 10.81 -8.69 9.83
CA VAL A 37 9.86 -9.05 8.78
C VAL A 37 9.76 -7.87 7.82
N ARG A 38 9.75 -8.11 6.51
CA ARG A 38 9.61 -7.00 5.60
C ARG A 38 8.40 -7.15 4.69
N GLN A 39 7.97 -6.02 4.14
CA GLN A 39 6.82 -6.01 3.25
C GLN A 39 7.10 -5.09 2.08
N ALA A 40 7.21 -5.66 0.88
CA ALA A 40 7.40 -4.87 -0.32
C ALA A 40 6.10 -4.18 -0.66
N PRO A 41 6.17 -3.03 -1.36
CA PRO A 41 4.92 -2.31 -1.60
C PRO A 41 3.88 -3.13 -2.36
N GLY A 42 2.67 -3.21 -1.80
CA GLY A 42 1.59 -3.97 -2.38
C GLY A 42 1.66 -5.47 -2.16
N GLN A 43 2.67 -5.92 -1.42
CA GLN A 43 2.93 -7.35 -1.25
C GLN A 43 2.66 -7.82 0.16
N GLY A 44 2.95 -9.10 0.41
CA GLY A 44 2.73 -9.68 1.71
C GLY A 44 3.97 -9.58 2.59
N LEU A 45 3.98 -10.42 3.61
CA LEU A 45 5.00 -10.38 4.65
C LEU A 45 6.05 -11.47 4.45
N GLU A 46 7.31 -11.08 4.61
CA GLU A 46 8.43 -12.00 4.42
C GLU A 46 9.35 -11.98 5.65
N TRP A 47 9.56 -13.14 6.25
CA TRP A 47 10.41 -13.28 7.44
C TRP A 47 11.88 -13.28 7.06
N LEU A 48 12.64 -12.37 7.67
CA LEU A 48 14.09 -12.30 7.46
C LEU A 48 14.90 -13.16 8.42
N GLY A 49 14.50 -13.16 9.69
CA GLY A 49 15.24 -13.88 10.70
C GLY A 49 14.84 -13.42 12.09
N TRP A 50 15.46 -13.99 13.12
CA TRP A 50 15.21 -13.50 14.46
C TRP A 50 16.46 -13.56 15.32
N ILE A 51 16.41 -12.80 16.40
CA ILE A 51 17.53 -12.70 17.34
C ILE A 51 17.06 -12.89 18.77
N ASN A 52 17.92 -13.53 19.56
CA ASN A 52 17.75 -13.59 21.01
C ASN A 52 18.50 -12.41 21.62
N PRO A 53 17.77 -11.43 22.19
CA PRO A 53 18.47 -10.24 22.67
C PRO A 53 19.31 -10.50 23.90
N HIS A 54 19.02 -11.57 24.63
CA HIS A 54 19.81 -11.90 25.81
C HIS A 54 21.21 -12.41 25.39
N SER A 55 21.22 -13.47 24.59
CA SER A 55 22.46 -14.13 24.15
C SER A 55 23.13 -13.51 22.94
N GLY A 56 22.34 -12.84 22.10
CA GLY A 56 22.84 -12.38 20.81
C GLY A 56 22.76 -13.41 19.70
N ASP A 57 22.35 -14.63 20.01
CA ASP A 57 22.23 -15.69 18.99
C ASP A 57 21.17 -15.31 17.95
N THR A 58 21.42 -15.69 16.70
CA THR A 58 20.53 -15.36 15.59
C THR A 58 20.28 -16.59 14.73
N THR A 59 19.12 -16.60 14.07
CA THR A 59 18.88 -17.52 12.98
C THR A 59 18.31 -16.69 11.86
N THR A 60 18.95 -16.77 10.70
CA THR A 60 18.58 -16.00 9.52
C THR A 60 17.93 -16.93 8.51
N SER A 61 16.88 -16.45 7.85
CA SER A 61 16.29 -17.19 6.73
C SER A 61 17.39 -17.50 5.73
N GLN A 62 17.44 -18.72 5.20
CA GLN A 62 18.60 -19.06 4.41
C GLN A 62 18.68 -18.27 3.11
N LYS A 63 17.54 -17.78 2.61
CA LYS A 63 17.52 -16.88 1.46
C LYS A 63 18.41 -15.63 1.68
N PHE A 64 18.49 -15.18 2.94
CA PHE A 64 19.24 -13.99 3.33
C PHE A 64 20.56 -14.25 4.06
N GLN A 65 20.91 -15.52 4.26
CA GLN A 65 22.11 -15.88 5.03
C GLN A 65 23.36 -15.20 4.47
N GLY A 66 24.12 -14.52 5.33
CA GLY A 66 25.36 -13.88 4.90
C GLY A 66 25.17 -12.53 4.26
N ARG A 67 23.91 -12.12 4.10
CA ARG A 67 23.55 -10.84 3.48
C ARG A 67 22.86 -9.92 4.48
N VAL A 68 21.93 -10.48 5.24
CA VAL A 68 21.24 -9.78 6.32
C VAL A 68 21.84 -10.15 7.69
N TYR A 69 22.11 -9.15 8.52
CA TYR A 69 22.76 -9.36 9.82
C TYR A 69 22.00 -8.71 10.98
N MET A 70 21.76 -9.48 12.03
CA MET A 70 21.03 -8.99 13.19
C MET A 70 21.95 -8.88 14.39
N THR A 71 21.91 -7.73 15.06
CA THR A 71 22.73 -7.51 16.27
C THR A 71 21.88 -6.81 17.33
N ARG A 72 22.39 -6.71 18.55
CA ARG A 72 21.70 -5.94 19.57
C ARG A 72 22.71 -5.26 20.48
N ASP A 73 22.27 -4.15 21.07
CA ASP A 73 22.97 -3.50 22.18
C ASP A 73 22.03 -3.47 23.38
N LYS A 74 22.30 -4.32 24.36
CA LYS A 74 21.42 -4.45 25.52
C LYS A 74 21.36 -3.17 26.35
N SER A 75 22.45 -2.42 26.41
CA SER A 75 22.49 -1.26 27.28
C SER A 75 21.44 -0.23 26.90
N ILE A 76 21.20 -0.07 25.60
CA ILE A 76 20.19 0.85 25.08
C ILE A 76 18.90 0.17 24.58
N ASN A 77 18.72 -1.10 24.93
CA ASN A 77 17.47 -1.82 24.61
C ASN A 77 17.17 -1.83 23.12
N THR A 78 18.21 -1.96 22.29
CA THR A 78 18.07 -1.74 20.86
C THR A 78 18.59 -2.92 20.04
N ALA A 79 17.80 -3.27 19.03
CA ALA A 79 18.19 -4.25 18.04
C ALA A 79 18.49 -3.57 16.72
N PHE A 80 19.44 -4.13 15.96
CA PHE A 80 19.82 -3.58 14.67
C PHE A 80 19.71 -4.62 13.57
N LEU A 81 19.29 -4.16 12.41
CA LEU A 81 19.22 -4.96 11.20
C LEU A 81 20.10 -4.32 10.13
N ASP A 82 21.11 -5.08 9.68
CA ASP A 82 21.95 -4.66 8.55
C ASP A 82 21.56 -5.43 7.32
N VAL A 83 21.06 -4.74 6.30
CA VAL A 83 20.77 -5.39 5.02
C VAL A 83 21.81 -4.94 4.02
N THR A 84 22.60 -5.88 3.51
CA THR A 84 23.76 -5.51 2.71
C THR A 84 23.57 -5.93 1.26
N ARG A 85 24.49 -5.50 0.40
CA ARG A 85 24.49 -5.82 -1.04
C ARG A 85 23.09 -5.57 -1.61
N LEU A 86 22.59 -4.37 -1.36
CA LEU A 86 21.19 -4.03 -1.65
C LEU A 86 20.87 -4.07 -3.14
N THR A 87 19.64 -4.47 -3.47
CA THR A 87 19.12 -4.27 -4.82
C THR A 87 17.73 -3.68 -4.69
N SER A 88 17.12 -3.35 -5.83
CA SER A 88 15.78 -2.76 -5.80
C SER A 88 14.76 -3.73 -5.21
N ASP A 89 15.06 -5.01 -5.23
CA ASP A 89 14.17 -6.01 -4.66
C ASP A 89 14.07 -5.87 -3.14
N ASP A 90 15.00 -5.11 -2.54
CA ASP A 90 14.99 -4.94 -1.10
C ASP A 90 14.17 -3.73 -0.65
N THR A 91 13.61 -3.01 -1.60
CA THR A 91 12.72 -1.89 -1.28
C THR A 91 11.49 -2.41 -0.54
N GLY A 92 11.15 -1.73 0.54
CA GLY A 92 9.96 -2.12 1.28
C GLY A 92 9.98 -1.57 2.69
N ILE A 93 8.97 -1.97 3.47
CA ILE A 93 8.90 -1.58 4.87
C ILE A 93 9.46 -2.73 5.72
N TYR A 94 10.40 -2.40 6.60
CA TYR A 94 11.03 -3.37 7.48
C TYR A 94 10.51 -3.19 8.89
N TYR A 95 9.98 -4.27 9.47
CA TYR A 95 9.46 -4.27 10.84
C TYR A 95 10.33 -5.09 11.76
N CYS A 96 10.49 -4.61 12.99
CA CYS A 96 10.90 -5.52 14.05
C CYS A 96 9.62 -5.92 14.81
N ALA A 97 9.59 -7.16 15.27
CA ALA A 97 8.42 -7.64 15.97
C ALA A 97 8.81 -8.61 17.08
N ARG A 98 8.35 -8.33 18.28
CA ARG A 98 8.62 -9.19 19.42
C ARG A 98 7.81 -10.48 19.39
N ASP A 99 8.41 -11.59 19.78
CA ASP A 99 7.64 -12.82 19.96
C ASP A 99 7.22 -12.96 21.42
N LYS A 100 5.99 -13.44 21.65
CA LYS A 100 5.54 -13.80 22.98
C LYS A 100 6.54 -14.77 23.62
N TYR A 101 7.05 -15.68 22.80
CA TYR A 101 8.15 -16.58 23.18
C TYR A 101 7.83 -17.52 24.35
N TYR A 102 6.56 -17.84 24.55
CA TYR A 102 6.20 -18.84 25.56
C TYR A 102 6.98 -20.12 25.29
N GLY A 103 7.47 -20.73 26.37
CA GLY A 103 8.21 -21.97 26.25
C GLY A 103 9.54 -21.82 25.52
N ASN A 104 10.03 -20.59 25.41
CA ASN A 104 11.27 -20.30 24.69
C ASN A 104 11.19 -20.80 23.26
N GLU A 105 10.01 -20.64 22.67
CA GLU A 105 9.84 -20.96 21.26
C GLU A 105 8.91 -19.93 20.62
N ALA A 106 8.90 -19.91 19.30
CA ALA A 106 8.04 -19.00 18.56
C ALA A 106 6.57 -19.33 18.81
N VAL A 107 5.80 -18.30 19.14
CA VAL A 107 4.37 -18.42 19.45
C VAL A 107 3.56 -17.43 18.59
N GLY A 108 3.98 -16.17 18.60
CA GLY A 108 3.31 -15.17 17.79
C GLY A 108 3.95 -13.82 18.00
N MET A 109 3.78 -12.91 17.04
CA MET A 109 4.48 -11.64 17.09
C MET A 109 3.49 -10.63 17.65
N ASP A 110 3.66 -10.34 18.95
CA ASP A 110 2.64 -9.57 19.65
C ASP A 110 2.84 -8.07 19.72
N VAL A 111 4.07 -7.62 19.52
CA VAL A 111 4.35 -6.18 19.51
C VAL A 111 5.20 -5.90 18.28
N TRP A 112 4.74 -4.99 17.45
CA TRP A 112 5.43 -4.62 16.21
C TRP A 112 5.90 -3.19 16.27
N GLY A 113 7.09 -2.93 15.73
CA GLY A 113 7.52 -1.56 15.48
C GLY A 113 6.65 -0.91 14.42
N GLN A 114 6.82 0.38 14.23
CA GLN A 114 5.99 1.11 13.28
C GLN A 114 6.44 0.91 11.85
N GLY A 115 7.59 0.28 11.68
CA GLY A 115 8.15 0.02 10.36
C GLY A 115 9.11 1.08 9.91
N THR A 116 10.09 0.66 9.10
CA THR A 116 11.07 1.57 8.51
C THR A 116 11.04 1.39 7.01
N SER A 117 10.72 2.45 6.28
CA SER A 117 10.75 2.41 4.83
C SER A 117 12.19 2.46 4.30
N VAL A 118 12.57 1.49 3.48
CA VAL A 118 13.87 1.47 2.84
C VAL A 118 13.64 1.48 1.32
N THR A 119 14.19 2.48 0.64
CA THR A 119 14.09 2.56 -0.81
C THR A 119 15.47 2.36 -1.41
N VAL A 120 15.61 1.36 -2.27
CA VAL A 120 16.89 1.11 -2.94
C VAL A 120 16.77 1.53 -4.41
N SER A 121 17.56 2.53 -4.81
CA SER A 121 17.46 3.07 -6.15
C SER A 121 18.73 3.84 -6.52
N SER A 122 18.98 3.96 -7.83
CA SER A 122 20.04 4.84 -8.32
C SER A 122 19.49 6.22 -8.72
N ALA A 123 18.18 6.41 -8.59
CA ALA A 123 17.59 7.72 -8.88
C ALA A 123 18.12 8.81 -7.96
N SER A 124 18.15 10.04 -8.47
CA SER A 124 18.51 11.19 -7.67
C SER A 124 17.30 11.87 -7.07
N THR A 125 17.46 12.40 -5.87
CA THR A 125 16.39 13.17 -5.25
C THR A 125 15.94 14.29 -6.19
N LYS A 126 14.63 14.35 -6.41
CA LYS A 126 14.03 15.32 -7.32
C LYS A 126 12.65 15.70 -6.84
N GLY A 127 12.35 17.00 -6.81
CA GLY A 127 11.00 17.45 -6.53
C GLY A 127 10.11 17.23 -7.74
N PRO A 128 8.80 17.08 -7.51
CA PRO A 128 7.87 16.81 -8.61
C PRO A 128 7.66 17.99 -9.57
N SER A 129 7.33 17.65 -10.80
CA SER A 129 6.76 18.59 -11.75
C SER A 129 5.27 18.52 -11.55
N VAL A 130 4.63 19.67 -11.34
CA VAL A 130 3.20 19.69 -11.06
C VAL A 130 2.44 20.34 -12.21
N PHE A 131 1.52 19.58 -12.82
CA PHE A 131 0.79 20.04 -13.99
C PHE A 131 -0.71 20.04 -13.71
N PRO A 132 -1.44 21.01 -14.26
CA PRO A 132 -2.89 21.03 -14.02
C PRO A 132 -3.65 19.93 -14.76
N LEU A 133 -4.65 19.37 -14.09
CA LEU A 133 -5.68 18.60 -14.76
C LEU A 133 -6.91 19.52 -14.80
N ALA A 134 -7.11 20.16 -15.94
CA ALA A 134 -8.04 21.30 -15.98
C ALA A 134 -9.47 20.80 -16.10
N PRO A 135 -10.41 21.51 -15.44
CA PRO A 135 -11.81 21.10 -15.54
C PRO A 135 -12.32 21.26 -16.98
N SER A 136 -13.10 20.28 -17.42
CA SER A 136 -13.71 20.29 -18.73
C SER A 136 -14.63 21.48 -18.91
N SER A 137 -14.56 22.10 -20.08
CA SER A 137 -15.47 23.18 -20.42
C SER A 137 -16.87 22.60 -20.66
N LYS A 138 -16.93 21.27 -20.77
CA LYS A 138 -18.19 20.59 -21.02
C LYS A 138 -18.83 20.16 -19.69
N SER A 139 -18.24 20.60 -18.58
CA SER A 139 -18.73 20.24 -17.24
C SER A 139 -20.23 20.50 -17.11
N THR A 140 -20.91 19.58 -16.43
CA THR A 140 -22.37 19.54 -16.39
C THR A 140 -23.01 20.75 -15.72
N SER A 141 -23.97 21.37 -16.42
CA SER A 141 -24.64 22.55 -15.88
C SER A 141 -25.43 22.24 -14.61
N GLY A 142 -25.12 22.96 -13.53
CA GLY A 142 -25.67 22.63 -12.22
C GLY A 142 -25.14 21.30 -11.71
N GLY A 143 -24.18 20.74 -12.47
CA GLY A 143 -23.64 19.43 -12.16
C GLY A 143 -22.32 19.46 -11.41
N THR A 144 -21.56 18.39 -11.58
CA THR A 144 -20.29 18.19 -10.88
C THR A 144 -19.15 18.21 -11.87
N ALA A 145 -18.09 18.93 -11.52
CA ALA A 145 -16.89 19.01 -12.34
C ALA A 145 -15.73 18.33 -11.61
N ALA A 146 -14.80 17.77 -12.37
CA ALA A 146 -13.59 17.21 -11.80
C ALA A 146 -12.37 17.97 -12.30
N LEU A 147 -11.41 18.17 -11.41
CA LEU A 147 -10.15 18.83 -11.77
C LEU A 147 -9.06 18.26 -10.87
N GLY A 148 -7.81 18.61 -11.11
CA GLY A 148 -6.77 18.01 -10.30
C GLY A 148 -5.40 18.51 -10.64
N CYS A 149 -4.40 17.83 -10.08
CA CYS A 149 -2.99 18.08 -10.39
C CYS A 149 -2.29 16.76 -10.61
N LEU A 150 -1.49 16.74 -11.67
CA LEU A 150 -0.59 15.64 -11.96
C LEU A 150 0.76 15.96 -11.31
N VAL A 151 1.18 15.08 -10.40
CA VAL A 151 2.42 15.29 -9.64
C VAL A 151 3.44 14.25 -10.11
N LYS A 152 4.35 14.67 -10.97
CA LYS A 152 5.10 13.73 -11.80
C LYS A 152 6.59 13.81 -11.59
N ASP A 153 7.23 12.65 -11.65
CA ASP A 153 8.70 12.53 -11.68
C ASP A 153 9.37 13.07 -10.43
N TYR A 154 9.07 12.48 -9.29
CA TYR A 154 9.75 12.84 -8.06
C TYR A 154 10.42 11.64 -7.43
N PHE A 155 11.43 11.88 -6.60
CA PHE A 155 12.08 10.82 -5.86
C PHE A 155 12.70 11.39 -4.60
N PRO A 156 12.66 10.66 -3.47
CA PRO A 156 11.90 9.43 -3.18
C PRO A 156 10.48 9.79 -2.74
N GLU A 157 9.70 8.81 -2.31
CA GLU A 157 8.46 9.12 -1.61
C GLU A 157 8.78 9.74 -0.25
N PRO A 158 7.81 10.43 0.37
CA PRO A 158 6.51 10.85 -0.15
C PRO A 158 6.45 12.31 -0.61
N VAL A 159 5.30 12.64 -1.20
CA VAL A 159 4.89 14.03 -1.35
C VAL A 159 3.70 14.22 -0.44
N THR A 160 3.45 15.46 -0.03
CA THR A 160 2.16 15.79 0.55
C THR A 160 1.40 16.70 -0.41
N VAL A 161 0.10 16.47 -0.52
CA VAL A 161 -0.75 17.27 -1.41
C VAL A 161 -1.90 17.80 -0.59
N SER A 162 -2.12 19.11 -0.66
CA SER A 162 -3.34 19.72 -0.13
C SER A 162 -3.97 20.55 -1.22
N TRP A 163 -5.23 20.94 -1.00
CA TRP A 163 -5.94 21.84 -1.89
C TRP A 163 -6.32 23.07 -1.12
N ASN A 164 -6.06 24.23 -1.73
CA ASN A 164 -6.35 25.52 -1.11
C ASN A 164 -5.84 25.63 0.32
N SER A 165 -4.61 25.17 0.51
CA SER A 165 -3.90 25.23 1.78
C SER A 165 -4.64 24.52 2.90
N GLY A 166 -5.42 23.51 2.53
CA GLY A 166 -6.15 22.70 3.48
C GLY A 166 -7.61 23.07 3.61
N ALA A 167 -8.04 24.14 2.94
CA ALA A 167 -9.41 24.60 3.07
C ALA A 167 -10.38 23.75 2.25
N LEU A 168 -9.84 22.98 1.31
CA LEU A 168 -10.64 22.05 0.50
C LEU A 168 -10.16 20.64 0.75
N THR A 169 -11.03 19.81 1.31
CA THR A 169 -10.71 18.42 1.64
C THR A 169 -11.77 17.46 1.07
N SER A 170 -13.05 17.83 1.17
CA SER A 170 -14.14 17.01 0.64
C SER A 170 -14.04 16.74 -0.86
N GLY A 171 -14.25 15.47 -1.23
CA GLY A 171 -14.22 15.08 -2.62
C GLY A 171 -12.83 14.93 -3.23
N VAL A 172 -11.80 15.05 -2.40
CA VAL A 172 -10.43 14.89 -2.88
C VAL A 172 -10.02 13.43 -2.90
N HIS A 173 -9.46 12.98 -4.03
CA HIS A 173 -8.77 11.70 -4.07
C HIS A 173 -7.33 11.92 -4.47
N THR A 174 -6.41 11.67 -3.54
CA THR A 174 -5.00 11.70 -3.88
C THR A 174 -4.57 10.25 -4.03
N PHE A 175 -4.25 9.87 -5.26
CA PHE A 175 -4.00 8.47 -5.59
C PHE A 175 -2.67 8.01 -5.04
N PRO A 176 -2.59 6.70 -4.72
CA PRO A 176 -1.31 6.12 -4.33
C PRO A 176 -0.29 6.34 -5.43
N ALA A 177 0.94 6.64 -5.04
CA ALA A 177 1.99 6.83 -6.02
C ALA A 177 2.27 5.54 -6.77
N VAL A 178 2.64 5.67 -8.04
CA VAL A 178 3.14 4.53 -8.79
C VAL A 178 4.61 4.78 -9.11
N LEU A 179 5.39 3.71 -9.10
CA LEU A 179 6.76 3.80 -9.56
C LEU A 179 6.75 3.63 -11.07
N GLN A 180 7.18 4.66 -11.78
CA GLN A 180 7.23 4.63 -13.23
C GLN A 180 8.39 3.78 -13.70
N SER A 181 8.35 3.36 -14.96
CA SER A 181 9.43 2.56 -15.52
C SER A 181 10.78 3.30 -15.46
N SER A 182 10.72 4.62 -15.35
CA SER A 182 11.93 5.45 -15.26
C SER A 182 12.62 5.37 -13.89
N GLY A 183 11.90 4.90 -12.87
CA GLY A 183 12.45 4.89 -11.52
C GLY A 183 12.03 6.10 -10.68
N LEU A 184 11.25 6.99 -11.27
CA LEU A 184 10.67 8.12 -10.51
C LEU A 184 9.20 7.86 -10.24
N TYR A 185 8.71 8.40 -9.14
CA TYR A 185 7.30 8.27 -8.77
C TYR A 185 6.40 9.29 -9.44
N SER A 186 5.12 8.96 -9.54
CA SER A 186 4.10 9.88 -10.02
C SER A 186 2.75 9.57 -9.39
N LEU A 187 1.94 10.61 -9.18
CA LEU A 187 0.55 10.42 -8.78
C LEU A 187 -0.29 11.58 -9.30
N SER A 188 -1.60 11.41 -9.27
CA SER A 188 -2.51 12.53 -9.48
C SER A 188 -3.33 12.73 -8.21
N SER A 189 -3.70 13.98 -7.97
CA SER A 189 -4.69 14.32 -6.94
C SER A 189 -5.84 15.02 -7.65
N VAL A 190 -7.04 14.49 -7.45
CA VAL A 190 -8.22 15.05 -8.09
C VAL A 190 -9.25 15.45 -7.06
N VAL A 191 -10.17 16.31 -7.47
CA VAL A 191 -11.26 16.72 -6.60
C VAL A 191 -12.50 16.98 -7.45
N THR A 192 -13.66 16.62 -6.92
CA THR A 192 -14.90 16.96 -7.60
C THR A 192 -15.56 18.12 -6.85
N VAL A 193 -16.08 19.06 -7.63
CA VAL A 193 -16.62 20.32 -7.10
C VAL A 193 -17.86 20.71 -7.92
N PRO A 194 -18.71 21.59 -7.39
CA PRO A 194 -19.83 22.04 -8.23
C PRO A 194 -19.37 22.78 -9.48
N SER A 195 -20.00 22.50 -10.61
CA SER A 195 -19.67 23.19 -11.85
C SER A 195 -19.90 24.69 -11.71
N SER A 196 -20.89 25.06 -10.90
CA SER A 196 -21.16 26.47 -10.61
C SER A 196 -19.98 27.19 -9.98
N SER A 197 -19.07 26.44 -9.38
CA SER A 197 -17.92 27.06 -8.72
C SER A 197 -16.75 27.36 -9.66
N LEU A 198 -16.80 26.86 -10.88
CA LEU A 198 -15.69 27.08 -11.81
C LEU A 198 -15.62 28.57 -12.15
N GLY A 199 -14.44 29.12 -11.96
CA GLY A 199 -14.16 30.54 -12.22
C GLY A 199 -14.49 31.43 -11.04
N THR A 200 -15.46 31.00 -10.23
CA THR A 200 -15.90 31.69 -9.02
C THR A 200 -15.06 31.34 -7.79
N GLN A 201 -14.71 30.07 -7.67
CA GLN A 201 -13.82 29.60 -6.61
C GLN A 201 -12.46 29.23 -7.21
N THR A 202 -11.39 29.78 -6.64
CA THR A 202 -10.05 29.44 -7.07
C THR A 202 -9.63 28.09 -6.50
N TYR A 203 -8.96 27.29 -7.33
CA TYR A 203 -8.48 25.98 -6.90
C TYR A 203 -6.98 25.91 -7.11
N ILE A 204 -6.27 25.66 -6.01
CA ILE A 204 -4.80 25.58 -6.02
C ILE A 204 -4.36 24.31 -5.35
N CYS A 205 -3.56 23.50 -6.04
CA CYS A 205 -2.96 22.37 -5.33
C CYS A 205 -1.58 22.73 -4.78
N ASN A 206 -1.36 22.32 -3.54
CA ASN A 206 -0.13 22.60 -2.80
C ASN A 206 0.63 21.31 -2.65
N VAL A 207 1.81 21.25 -3.26
CA VAL A 207 2.56 20.01 -3.31
C VAL A 207 3.92 20.22 -2.68
N ASN A 208 4.13 19.54 -1.55
CA ASN A 208 5.39 19.63 -0.84
C ASN A 208 6.16 18.34 -0.91
N HIS A 209 7.47 18.47 -1.09
CA HIS A 209 8.35 17.31 -1.11
C HIS A 209 9.54 17.62 -0.24
N LYS A 210 9.56 17.02 0.95
CA LYS A 210 10.60 17.35 1.93
C LYS A 210 12.01 16.94 1.51
N PRO A 211 12.18 15.75 0.87
CA PRO A 211 13.55 15.39 0.51
C PRO A 211 14.25 16.43 -0.38
N SER A 212 13.51 17.07 -1.29
CA SER A 212 14.08 18.08 -2.17
C SER A 212 13.89 19.51 -1.65
N ASN A 213 13.28 19.63 -0.47
CA ASN A 213 12.93 20.92 0.12
C ASN A 213 12.15 21.80 -0.84
N THR A 214 11.18 21.23 -1.53
CA THR A 214 10.39 22.00 -2.48
C THR A 214 8.93 22.11 -2.07
N LYS A 215 8.36 23.26 -2.41
CA LYS A 215 6.95 23.53 -2.21
C LYS A 215 6.42 24.19 -3.47
N VAL A 216 5.39 23.59 -4.06
CA VAL A 216 4.79 24.11 -5.28
C VAL A 216 3.31 24.39 -5.05
N ASP A 217 2.85 25.55 -5.51
CA ASP A 217 1.44 25.91 -5.49
C ASP A 217 0.97 26.12 -6.93
N LYS A 218 0.12 25.23 -7.42
CA LYS A 218 -0.32 25.31 -8.81
C LYS A 218 -1.81 25.63 -8.91
N LYS A 219 -2.12 26.78 -9.51
CA LYS A 219 -3.52 27.13 -9.74
C LYS A 219 -4.07 26.35 -10.93
N VAL A 220 -5.25 25.78 -10.76
CA VAL A 220 -5.87 24.92 -11.76
C VAL A 220 -7.16 25.55 -12.25
N GLU A 221 -7.19 25.92 -13.52
CA GLU A 221 -8.33 26.67 -14.04
C GLU A 221 -8.78 26.12 -15.37
N PRO A 222 -10.03 26.44 -15.77
CA PRO A 222 -10.49 26.09 -17.11
C PRO A 222 -9.54 26.63 -18.17
N LYS A 223 -9.21 25.80 -19.16
CA LYS A 223 -8.26 26.19 -20.20
C LYS A 223 -8.92 27.03 -21.29
N ASP B 1 10.63 -24.97 1.94
CA ASP B 1 9.80 -24.19 2.85
C ASP B 1 8.38 -24.74 2.90
N ILE B 2 7.62 -24.29 3.88
CA ILE B 2 6.19 -24.59 3.94
C ILE B 2 5.40 -23.42 3.37
N GLN B 3 4.47 -23.71 2.46
CA GLN B 3 3.64 -22.69 1.85
C GLN B 3 2.28 -22.65 2.53
N LEU B 4 1.85 -21.45 2.90
CA LEU B 4 0.51 -21.24 3.43
C LEU B 4 -0.37 -20.59 2.38
N THR B 5 -1.49 -21.22 2.07
CA THR B 5 -2.41 -20.69 1.06
C THR B 5 -3.70 -20.24 1.72
N GLN B 6 -4.03 -18.96 1.58
CA GLN B 6 -5.23 -18.41 2.17
C GLN B 6 -6.34 -18.30 1.14
N SER B 7 -7.55 -18.55 1.60
CA SER B 7 -8.71 -18.40 0.73
C SER B 7 -9.89 -17.84 1.50
N PRO B 8 -10.68 -16.98 0.86
CA PRO B 8 -10.43 -16.40 -0.47
C PRO B 8 -9.35 -15.33 -0.38
N SER B 9 -8.82 -14.90 -1.51
CA SER B 9 -7.87 -13.78 -1.47
C SER B 9 -8.61 -12.48 -1.19
N PHE B 10 -9.85 -12.39 -1.67
CA PHE B 10 -10.68 -11.20 -1.49
C PHE B 10 -12.09 -11.60 -1.11
N LEU B 11 -12.53 -11.18 0.07
CA LEU B 11 -13.84 -11.56 0.59
C LEU B 11 -14.72 -10.32 0.69
N SER B 12 -15.89 -10.36 0.07
CA SER B 12 -16.84 -9.26 0.17
C SER B 12 -17.92 -9.66 1.17
N ALA B 13 -18.21 -8.77 2.10
CA ALA B 13 -19.22 -9.06 3.10
C ALA B 13 -19.88 -7.80 3.63
N SER B 14 -21.02 -7.97 4.29
CA SER B 14 -21.74 -6.86 4.88
C SER B 14 -21.47 -6.77 6.37
N VAL B 15 -21.51 -5.56 6.93
CA VAL B 15 -21.49 -5.40 8.38
C VAL B 15 -22.56 -6.28 9.03
N GLY B 16 -22.16 -7.02 10.05
CA GLY B 16 -23.06 -7.92 10.73
C GLY B 16 -22.95 -9.36 10.28
N ASP B 17 -22.30 -9.60 9.14
CA ASP B 17 -22.17 -10.96 8.61
C ASP B 17 -21.21 -11.80 9.44
N LYS B 18 -21.48 -13.09 9.51
CA LYS B 18 -20.51 -14.07 9.99
C LYS B 18 -19.69 -14.55 8.80
N VAL B 19 -18.37 -14.48 8.92
CA VAL B 19 -17.50 -14.96 7.85
C VAL B 19 -16.37 -15.81 8.40
N THR B 20 -15.92 -16.76 7.59
CA THR B 20 -14.83 -17.65 7.92
C THR B 20 -13.83 -17.64 6.79
N ILE B 21 -12.55 -17.44 7.13
CA ILE B 21 -11.48 -17.46 6.14
C ILE B 21 -10.55 -18.64 6.43
N THR B 22 -9.87 -19.15 5.40
CA THR B 22 -9.16 -20.42 5.47
C THR B 22 -7.67 -20.25 5.19
N CYS B 23 -6.85 -21.01 5.91
CA CYS B 23 -5.42 -21.08 5.71
C CYS B 23 -5.04 -22.55 5.61
N ARG B 24 -4.42 -22.93 4.50
CA ARG B 24 -3.96 -24.31 4.33
C ARG B 24 -2.45 -24.34 4.24
N ALA B 25 -1.85 -25.29 4.95
CA ALA B 25 -0.41 -25.47 4.94
C ALA B 25 0.01 -26.65 4.06
N SER B 26 1.13 -26.51 3.36
CA SER B 26 1.59 -27.57 2.45
C SER B 26 2.14 -28.80 3.19
N GLN B 27 2.51 -28.63 4.45
CA GLN B 27 2.90 -29.72 5.35
C GLN B 27 2.27 -29.47 6.70
N GLY B 28 2.22 -30.49 7.56
CA GLY B 28 1.65 -30.35 8.89
C GLY B 28 2.45 -29.40 9.77
N VAL B 29 1.75 -28.40 10.32
CA VAL B 29 2.35 -27.46 11.29
C VAL B 29 1.84 -27.59 12.72
N ARG B 30 1.14 -28.69 13.03
CA ARG B 30 0.57 -28.90 14.35
C ARG B 30 -0.37 -27.74 14.66
N ASN B 31 -0.26 -27.17 15.84
CA ASN B 31 -1.02 -25.97 16.21
C ASN B 31 -0.18 -24.71 16.12
N GLU B 32 0.98 -24.77 15.44
CA GLU B 32 1.94 -23.68 15.61
C GLU B 32 1.69 -22.68 14.49
N LEU B 33 0.65 -21.90 14.75
CA LEU B 33 0.05 -21.08 13.73
C LEU B 33 -0.56 -19.87 14.39
N ALA B 34 -0.34 -18.71 13.78
CA ALA B 34 -0.88 -17.47 14.30
C ALA B 34 -1.66 -16.73 13.23
N TRP B 35 -2.60 -15.89 13.66
CA TRP B 35 -3.32 -15.00 12.74
C TRP B 35 -3.12 -13.55 13.11
N TYR B 36 -3.04 -12.72 12.08
CA TYR B 36 -2.85 -11.27 12.20
C TYR B 36 -3.87 -10.49 11.38
N GLN B 37 -4.14 -9.28 11.84
CA GLN B 37 -4.91 -8.29 11.10
C GLN B 37 -3.98 -7.16 10.69
N GLN B 38 -4.10 -6.68 9.45
CA GLN B 38 -3.34 -5.51 9.04
C GLN B 38 -4.21 -4.53 8.28
N LYS B 39 -4.06 -3.26 8.62
CA LYS B 39 -4.77 -2.17 7.95
C LYS B 39 -3.79 -1.32 7.18
N PRO B 40 -4.26 -0.62 6.12
CA PRO B 40 -3.34 0.14 5.28
C PRO B 40 -2.51 1.12 6.09
N GLY B 41 -1.20 1.11 5.87
CA GLY B 41 -0.32 2.05 6.54
C GLY B 41 0.08 1.64 7.95
N LYS B 42 -0.38 0.49 8.41
CA LYS B 42 -0.10 0.06 9.78
C LYS B 42 0.60 -1.27 9.84
N ALA B 43 1.32 -1.53 10.93
CA ALA B 43 1.89 -2.84 11.19
C ALA B 43 0.78 -3.84 11.51
N PRO B 44 1.02 -5.13 11.25
CA PRO B 44 0.05 -6.14 11.67
C PRO B 44 -0.17 -6.16 13.19
N ASN B 45 -1.33 -6.66 13.58
CA ASN B 45 -1.67 -6.90 14.98
C ASN B 45 -1.99 -8.37 15.17
N LEU B 46 -1.45 -8.98 16.22
CA LEU B 46 -1.72 -10.38 16.54
C LEU B 46 -3.13 -10.61 17.07
N LEU B 47 -3.83 -11.55 16.46
CA LEU B 47 -5.19 -11.96 16.85
C LEU B 47 -5.21 -13.25 17.65
N ILE B 48 -4.56 -14.25 17.06
CA ILE B 48 -4.65 -15.65 17.48
C ILE B 48 -3.28 -16.29 17.51
N TYR B 49 -2.98 -17.11 18.53
CA TYR B 49 -1.77 -17.92 18.52
C TYR B 49 -2.14 -19.33 18.99
N TYR B 50 -1.22 -20.29 18.81
CA TYR B 50 -1.51 -21.70 19.07
C TYR B 50 -2.78 -22.16 18.34
N ALA B 51 -3.00 -21.55 17.19
CA ALA B 51 -4.10 -21.76 16.23
C ALA B 51 -5.50 -21.39 16.73
N SER B 52 -5.75 -21.48 18.03
CA SER B 52 -7.06 -21.11 18.58
C SER B 52 -7.11 -20.13 19.75
N THR B 53 -5.98 -19.69 20.28
CA THR B 53 -5.99 -18.88 21.50
C THR B 53 -6.04 -17.41 21.17
N LEU B 54 -7.00 -16.69 21.76
CA LEU B 54 -7.14 -15.25 21.55
C LEU B 54 -6.05 -14.47 22.26
N GLN B 55 -5.39 -13.59 21.52
CA GLN B 55 -4.45 -12.64 22.12
C GLN B 55 -5.17 -11.67 23.05
N SER B 56 -4.48 -11.28 24.12
CA SER B 56 -5.03 -10.33 25.10
C SER B 56 -5.57 -9.07 24.44
N GLY B 57 -6.81 -8.72 24.78
CA GLY B 57 -7.44 -7.50 24.27
C GLY B 57 -8.20 -7.65 22.96
N VAL B 58 -8.05 -8.79 22.29
CA VAL B 58 -8.75 -9.03 21.03
C VAL B 58 -10.22 -9.34 21.33
N PRO B 59 -11.15 -8.75 20.57
CA PRO B 59 -12.57 -8.97 20.83
C PRO B 59 -13.01 -10.42 20.67
N SER B 60 -13.98 -10.83 21.50
CA SER B 60 -14.45 -12.20 21.51
C SER B 60 -15.13 -12.64 20.21
N ARG B 61 -15.49 -11.69 19.33
CA ARG B 61 -16.13 -12.08 18.07
C ARG B 61 -15.14 -12.78 17.13
N PHE B 62 -13.85 -12.70 17.45
CA PHE B 62 -12.83 -13.44 16.71
C PHE B 62 -12.62 -14.81 17.33
N SER B 63 -12.58 -15.84 16.50
CA SER B 63 -12.21 -17.18 16.96
C SER B 63 -11.50 -17.90 15.83
N ALA B 64 -10.81 -18.99 16.15
CA ALA B 64 -10.05 -19.71 15.14
C ALA B 64 -9.93 -21.16 15.53
N THR B 65 -9.77 -22.01 14.51
CA THR B 65 -9.72 -23.46 14.71
C THR B 65 -8.65 -24.08 13.84
N GLY B 66 -8.38 -25.34 14.10
CA GLY B 66 -7.53 -26.15 13.25
C GLY B 66 -6.26 -26.69 13.85
N SER B 67 -5.74 -27.68 13.14
CA SER B 67 -4.48 -28.34 13.45
C SER B 67 -3.96 -28.94 12.17
N GLY B 68 -2.70 -29.31 12.16
CA GLY B 68 -2.18 -29.97 10.99
C GLY B 68 -2.03 -29.05 9.81
N THR B 69 -2.80 -29.32 8.77
CA THR B 69 -2.77 -28.52 7.55
C THR B 69 -3.94 -27.57 7.26
N HIS B 70 -4.98 -27.58 8.08
CA HIS B 70 -6.18 -26.79 7.77
C HIS B 70 -6.61 -25.92 8.94
N PHE B 71 -6.69 -24.61 8.70
CA PHE B 71 -6.96 -23.64 9.76
C PHE B 71 -8.01 -22.66 9.30
N THR B 72 -8.87 -22.21 10.21
CA THR B 72 -9.81 -21.16 9.87
C THR B 72 -9.85 -20.08 10.94
N LEU B 73 -10.22 -18.88 10.50
CA LEU B 73 -10.48 -17.75 11.38
C LEU B 73 -11.90 -17.29 11.10
N THR B 74 -12.69 -17.07 12.15
CA THR B 74 -14.08 -16.66 11.99
C THR B 74 -14.34 -15.37 12.75
N VAL B 75 -15.08 -14.47 12.14
CA VAL B 75 -15.65 -13.32 12.84
C VAL B 75 -17.15 -13.55 12.95
N SER B 76 -17.67 -13.59 14.17
CA SER B 76 -19.05 -14.00 14.38
C SER B 76 -20.04 -12.99 13.80
N SER B 77 -19.75 -11.70 14.00
CA SER B 77 -20.51 -10.64 13.35
C SER B 77 -19.57 -9.50 13.01
N LEU B 78 -19.36 -9.24 11.73
CA LEU B 78 -18.39 -8.22 11.33
C LEU B 78 -18.80 -6.83 11.76
N GLN B 79 -17.85 -6.08 12.28
CA GLN B 79 -18.05 -4.66 12.60
C GLN B 79 -17.21 -3.86 11.62
N PRO B 80 -17.53 -2.58 11.40
CA PRO B 80 -16.81 -1.79 10.38
C PRO B 80 -15.27 -1.83 10.53
N GLU B 81 -14.76 -1.86 11.76
CA GLU B 81 -13.32 -1.88 11.99
C GLU B 81 -12.67 -3.20 11.62
N ASP B 82 -13.46 -4.21 11.30
CA ASP B 82 -12.91 -5.53 10.97
C ASP B 82 -12.57 -5.69 9.50
N PHE B 83 -12.93 -4.70 8.70
CA PHE B 83 -12.62 -4.80 7.28
C PHE B 83 -11.18 -4.35 7.14
N ALA B 84 -10.37 -5.32 6.74
CA ALA B 84 -8.93 -5.27 6.84
C ALA B 84 -8.35 -6.47 6.10
N THR B 85 -7.03 -6.61 6.12
CA THR B 85 -6.39 -7.82 5.57
C THR B 85 -5.99 -8.74 6.71
N TYR B 86 -6.15 -10.04 6.51
CA TYR B 86 -5.80 -11.03 7.53
C TYR B 86 -4.75 -11.98 7.02
N PHE B 87 -3.74 -12.23 7.85
CA PHE B 87 -2.66 -13.14 7.50
C PHE B 87 -2.56 -14.29 8.49
N CYS B 88 -2.20 -15.47 7.99
CA CYS B 88 -1.80 -16.56 8.86
C CYS B 88 -0.29 -16.74 8.75
N GLN B 89 0.30 -17.33 9.78
CA GLN B 89 1.75 -17.52 9.85
C GLN B 89 2.05 -18.81 10.60
N HIS B 90 2.98 -19.63 10.11
CA HIS B 90 3.40 -20.80 10.87
C HIS B 90 4.81 -20.58 11.43
N MET B 91 5.06 -21.21 12.57
CA MET B 91 6.41 -21.21 13.16
C MET B 91 7.00 -22.60 13.42
N SER B 92 6.52 -23.61 12.71
CA SER B 92 6.87 -24.99 13.03
C SER B 92 8.28 -25.42 12.63
N SER B 93 8.90 -24.65 11.74
CA SER B 93 10.21 -24.95 11.18
C SER B 93 10.66 -23.78 10.35
N TYR B 94 11.94 -23.73 10.03
CA TYR B 94 12.50 -22.60 9.29
C TYR B 94 12.38 -22.81 7.80
N PRO B 95 12.14 -21.74 7.04
CA PRO B 95 11.87 -20.37 7.51
C PRO B 95 10.42 -20.17 7.94
N LEU B 96 10.20 -19.24 8.85
CA LEU B 96 8.83 -18.84 9.15
C LEU B 96 8.22 -18.28 7.89
N THR B 97 6.98 -18.64 7.60
CA THR B 97 6.30 -18.06 6.43
C THR B 97 4.87 -17.63 6.78
N PHE B 98 4.39 -16.70 5.95
CA PHE B 98 3.06 -16.12 6.08
C PHE B 98 2.24 -16.54 4.88
N GLY B 99 0.93 -16.63 5.05
CA GLY B 99 0.05 -16.77 3.90
C GLY B 99 -0.02 -15.47 3.11
N GLY B 100 -0.66 -15.51 1.94
CA GLY B 100 -0.70 -14.35 1.07
C GLY B 100 -1.71 -13.29 1.46
N GLY B 101 -2.52 -13.58 2.47
CA GLY B 101 -3.50 -12.63 2.96
C GLY B 101 -4.89 -12.76 2.34
N THR B 102 -5.87 -12.42 3.14
CA THR B 102 -7.27 -12.34 2.73
C THR B 102 -7.74 -10.94 3.04
N LYS B 103 -8.12 -10.20 2.01
CA LYS B 103 -8.63 -8.84 2.22
C LYS B 103 -10.14 -8.89 2.31
N VAL B 104 -10.69 -8.36 3.40
CA VAL B 104 -12.13 -8.33 3.62
C VAL B 104 -12.64 -6.91 3.35
N GLU B 105 -13.50 -6.78 2.35
CA GLU B 105 -14.04 -5.48 1.92
C GLU B 105 -15.55 -5.44 2.14
N ILE B 106 -16.09 -4.22 2.21
CA ILE B 106 -17.51 -4.01 2.49
C ILE B 106 -18.35 -4.05 1.21
N LYS B 107 -19.45 -4.80 1.24
CA LYS B 107 -20.42 -4.77 0.15
C LYS B 107 -21.27 -3.51 0.22
N ARG B 108 -21.59 -2.96 -0.94
CA ARG B 108 -22.56 -1.89 -1.01
C ARG B 108 -23.30 -2.04 -2.32
N THR B 109 -24.26 -1.16 -2.55
CA THR B 109 -25.01 -1.19 -3.80
C THR B 109 -24.08 -0.84 -4.96
N VAL B 110 -24.37 -1.37 -6.14
CA VAL B 110 -23.57 -1.09 -7.32
C VAL B 110 -23.62 0.40 -7.67
N ALA B 111 -22.46 0.97 -7.97
CA ALA B 111 -22.34 2.38 -8.36
C ALA B 111 -21.46 2.50 -9.59
N ALA B 112 -22.00 3.07 -10.66
CA ALA B 112 -21.24 3.27 -11.87
C ALA B 112 -20.23 4.40 -11.67
N PRO B 113 -19.07 4.28 -12.32
CA PRO B 113 -18.10 5.37 -12.22
C PRO B 113 -18.54 6.61 -12.99
N SER B 114 -18.17 7.78 -12.48
CA SER B 114 -18.23 8.99 -13.27
C SER B 114 -16.88 9.09 -13.95
N VAL B 115 -16.86 9.33 -15.25
CA VAL B 115 -15.62 9.23 -16.01
C VAL B 115 -15.20 10.59 -16.55
N PHE B 116 -13.92 10.93 -16.41
CA PHE B 116 -13.38 12.22 -16.88
C PHE B 116 -12.07 11.97 -17.62
N ILE B 117 -11.85 12.69 -18.71
CA ILE B 117 -10.56 12.62 -19.38
C ILE B 117 -9.88 14.00 -19.34
N PHE B 118 -8.56 14.00 -19.11
CA PHE B 118 -7.76 15.21 -19.06
C PHE B 118 -6.62 15.19 -20.07
N PRO B 119 -6.62 16.13 -21.02
CA PRO B 119 -5.47 16.24 -21.92
C PRO B 119 -4.21 16.72 -21.19
N PRO B 120 -3.04 16.52 -21.81
CA PRO B 120 -1.83 17.09 -21.21
C PRO B 120 -1.85 18.61 -21.24
N SER B 121 -1.26 19.20 -20.20
CA SER B 121 -1.10 20.65 -20.13
C SER B 121 -0.10 21.13 -21.17
N ASP B 122 -0.24 22.39 -21.59
CA ASP B 122 0.76 22.97 -22.50
C ASP B 122 2.11 23.05 -21.80
N GLU B 123 2.09 23.25 -20.48
CA GLU B 123 3.33 23.31 -19.71
C GLU B 123 4.12 22.00 -19.78
N GLN B 124 3.41 20.87 -19.68
CA GLN B 124 4.09 19.59 -19.74
C GLN B 124 4.63 19.33 -21.13
N LEU B 125 3.85 19.70 -22.14
CA LEU B 125 4.24 19.46 -23.52
C LEU B 125 5.55 20.15 -23.88
N LYS B 126 5.79 21.32 -23.29
CA LYS B 126 7.04 22.05 -23.51
C LYS B 126 8.26 21.23 -23.15
N SER B 127 8.10 20.32 -22.18
CA SER B 127 9.23 19.57 -21.65
C SER B 127 9.50 18.29 -22.43
N GLY B 128 8.62 17.94 -23.36
CA GLY B 128 8.85 16.81 -24.25
C GLY B 128 8.05 15.55 -23.99
N THR B 129 7.16 15.57 -22.99
CA THR B 129 6.30 14.42 -22.73
C THR B 129 4.84 14.82 -22.62
N ALA B 130 3.97 13.86 -22.83
CA ALA B 130 2.55 14.09 -22.72
C ALA B 130 1.92 13.01 -21.86
N SER B 131 1.27 13.43 -20.78
CA SER B 131 0.48 12.52 -19.95
C SER B 131 -1.00 12.78 -20.14
N VAL B 132 -1.75 11.74 -20.45
CA VAL B 132 -3.19 11.84 -20.60
C VAL B 132 -3.81 11.06 -19.45
N VAL B 133 -4.73 11.68 -18.71
CA VAL B 133 -5.28 11.04 -17.52
C VAL B 133 -6.76 10.75 -17.69
N CYS B 134 -7.15 9.52 -17.37
CA CYS B 134 -8.55 9.11 -17.32
C CYS B 134 -8.91 8.80 -15.87
N LEU B 135 -9.95 9.45 -15.35
CA LEU B 135 -10.39 9.29 -13.98
C LEU B 135 -11.71 8.55 -13.94
N LEU B 136 -11.80 7.52 -13.11
CA LEU B 136 -13.05 6.82 -12.80
C LEU B 136 -13.36 7.11 -11.35
N ASN B 137 -14.43 7.82 -11.09
CA ASN B 137 -14.70 8.27 -9.74
C ASN B 137 -15.86 7.56 -9.05
N ASN B 138 -15.61 7.08 -7.83
CA ASN B 138 -16.61 6.61 -6.88
C ASN B 138 -17.50 5.50 -7.42
N PHE B 139 -16.89 4.36 -7.72
CA PHE B 139 -17.61 3.23 -8.29
C PHE B 139 -17.55 2.00 -7.37
N TYR B 140 -18.51 1.10 -7.55
CA TYR B 140 -18.50 -0.17 -6.86
C TYR B 140 -19.23 -1.18 -7.74
N PRO B 141 -18.74 -2.43 -7.81
CA PRO B 141 -17.56 -3.03 -7.17
C PRO B 141 -16.25 -2.60 -7.83
N ARG B 142 -15.14 -3.10 -7.31
CA ARG B 142 -13.81 -2.65 -7.73
C ARG B 142 -13.48 -2.97 -9.19
N GLU B 143 -14.05 -4.05 -9.72
CA GLU B 143 -13.65 -4.48 -11.05
C GLU B 143 -14.02 -3.45 -12.11
N ALA B 144 -13.03 -3.00 -12.85
CA ALA B 144 -13.24 -2.03 -13.92
C ALA B 144 -12.17 -2.23 -14.96
N LYS B 145 -12.52 -1.96 -16.21
CA LYS B 145 -11.54 -2.04 -17.29
C LYS B 145 -11.43 -0.69 -17.97
N VAL B 146 -10.20 -0.23 -18.13
CA VAL B 146 -9.92 1.00 -18.84
C VAL B 146 -9.03 0.68 -20.03
N GLN B 147 -9.48 1.07 -21.21
CA GLN B 147 -8.71 0.86 -22.43
C GLN B 147 -8.42 2.17 -23.13
N TRP B 148 -7.18 2.38 -23.53
CA TRP B 148 -6.84 3.59 -24.26
C TRP B 148 -6.85 3.34 -25.75
N LYS B 149 -7.42 4.29 -26.49
CA LYS B 149 -7.40 4.25 -27.94
C LYS B 149 -6.82 5.55 -28.49
N VAL B 150 -5.86 5.43 -29.40
CA VAL B 150 -5.29 6.61 -30.02
C VAL B 150 -5.50 6.47 -31.53
N ASP B 151 -6.33 7.35 -32.08
CA ASP B 151 -6.81 7.24 -33.47
C ASP B 151 -7.39 5.85 -33.71
N ASN B 152 -8.27 5.42 -32.80
CA ASN B 152 -8.94 4.12 -32.83
C ASN B 152 -7.99 2.93 -32.80
N ALA B 153 -6.77 3.14 -32.35
CA ALA B 153 -5.83 2.03 -32.18
C ALA B 153 -5.69 1.71 -30.69
N LEU B 154 -5.93 0.46 -30.33
CA LEU B 154 -5.82 0.03 -28.93
C LEU B 154 -4.38 0.10 -28.46
N GLN B 155 -4.18 0.69 -27.28
CA GLN B 155 -2.85 0.87 -26.71
C GLN B 155 -2.49 -0.24 -25.72
N SER B 156 -1.22 -0.62 -25.69
CA SER B 156 -0.71 -1.55 -24.70
C SER B 156 0.67 -1.14 -24.24
N GLY B 157 0.95 -1.31 -22.95
CA GLY B 157 2.27 -1.10 -22.42
C GLY B 157 2.63 0.33 -22.05
N ASN B 158 1.86 1.30 -22.54
CA ASN B 158 2.13 2.71 -22.27
C ASN B 158 1.25 3.40 -21.21
N SER B 159 0.46 2.64 -20.46
CA SER B 159 -0.34 3.24 -19.40
C SER B 159 -0.11 2.59 -18.03
N GLN B 160 -0.38 3.33 -16.96
CA GLN B 160 -0.34 2.79 -15.60
C GLN B 160 -1.61 3.19 -14.86
N GLU B 161 -2.10 2.29 -14.01
CA GLU B 161 -3.28 2.54 -13.18
C GLU B 161 -2.91 2.67 -11.72
N SER B 162 -3.68 3.48 -11.01
CA SER B 162 -3.63 3.56 -9.56
C SER B 162 -5.06 3.51 -9.03
N VAL B 163 -5.30 2.71 -7.99
CA VAL B 163 -6.63 2.61 -7.41
C VAL B 163 -6.60 3.01 -5.94
N THR B 164 -7.62 3.74 -5.48
CA THR B 164 -7.70 4.09 -4.06
C THR B 164 -8.14 2.90 -3.21
N GLU B 165 -7.83 2.97 -1.92
CA GLU B 165 -8.44 2.05 -0.96
C GLU B 165 -9.93 2.34 -0.91
N GLN B 166 -10.72 1.32 -0.60
CA GLN B 166 -12.16 1.49 -0.47
C GLN B 166 -12.44 2.65 0.46
N ASP B 167 -13.31 3.57 0.05
CA ASP B 167 -13.57 4.75 0.86
C ASP B 167 -14.20 4.36 2.20
N SER B 168 -13.67 4.93 3.28
CA SER B 168 -14.12 4.61 4.63
C SER B 168 -15.58 4.98 4.87
N LYS B 169 -16.08 5.99 4.17
CA LYS B 169 -17.45 6.47 4.33
C LYS B 169 -18.44 5.82 3.37
N ASP B 170 -18.20 5.98 2.06
CA ASP B 170 -19.19 5.55 1.08
C ASP B 170 -18.90 4.19 0.43
N SER B 171 -17.77 3.58 0.80
CA SER B 171 -17.38 2.24 0.36
C SER B 171 -17.15 2.10 -1.14
N THR B 172 -16.87 3.21 -1.82
CA THR B 172 -16.55 3.13 -3.24
C THR B 172 -15.04 3.13 -3.50
N TYR B 173 -14.70 2.94 -4.77
CA TYR B 173 -13.34 3.01 -5.26
C TYR B 173 -13.22 4.13 -6.28
N SER B 174 -12.01 4.66 -6.45
CA SER B 174 -11.71 5.53 -7.58
C SER B 174 -10.42 5.05 -8.23
N LEU B 175 -10.27 5.34 -9.52
CA LEU B 175 -9.17 4.83 -10.29
C LEU B 175 -8.65 5.87 -11.27
N SER B 176 -7.33 5.97 -11.39
CA SER B 176 -6.73 6.80 -12.42
C SER B 176 -6.00 5.90 -13.40
N SER B 177 -6.12 6.21 -14.68
CA SER B 177 -5.30 5.57 -15.69
C SER B 177 -4.54 6.66 -16.42
N THR B 178 -3.22 6.52 -16.50
CA THR B 178 -2.40 7.55 -17.08
C THR B 178 -1.63 7.01 -18.29
N LEU B 179 -1.88 7.62 -19.43
CA LEU B 179 -1.24 7.24 -20.68
C LEU B 179 -0.06 8.18 -20.92
N THR B 180 1.13 7.64 -21.12
CA THR B 180 2.30 8.48 -21.29
C THR B 180 2.96 8.29 -22.66
N LEU B 181 3.10 9.39 -23.38
CA LEU B 181 3.72 9.41 -24.70
C LEU B 181 4.81 10.47 -24.78
N SER B 182 5.77 10.28 -25.67
CA SER B 182 6.69 11.37 -25.97
C SER B 182 5.89 12.46 -26.66
N LYS B 183 6.39 13.69 -26.62
CA LYS B 183 5.74 14.80 -27.33
C LYS B 183 5.59 14.50 -28.82
N ALA B 184 6.64 13.95 -29.40
CA ALA B 184 6.64 13.57 -30.82
C ALA B 184 5.48 12.63 -31.15
N ASP B 185 5.37 11.54 -30.38
CA ASP B 185 4.31 10.56 -30.61
C ASP B 185 2.93 11.17 -30.40
N TYR B 186 2.80 12.01 -29.37
CA TYR B 186 1.52 12.65 -29.07
C TYR B 186 0.98 13.48 -30.24
N GLU B 187 1.84 14.30 -30.85
CA GLU B 187 1.42 15.19 -31.93
C GLU B 187 1.26 14.46 -33.26
N LYS B 188 1.65 13.19 -33.27
CA LYS B 188 1.54 12.35 -34.46
C LYS B 188 0.15 11.71 -34.54
N HIS B 189 -0.72 12.06 -33.58
CA HIS B 189 -2.08 11.54 -33.56
C HIS B 189 -3.09 12.61 -33.13
N LYS B 190 -4.37 12.39 -33.43
CA LYS B 190 -5.41 13.36 -33.10
C LYS B 190 -6.33 12.94 -31.96
N VAL B 191 -7.03 11.83 -32.13
CA VAL B 191 -8.07 11.40 -31.22
C VAL B 191 -7.54 10.56 -30.06
N TYR B 192 -7.76 11.05 -28.84
CA TYR B 192 -7.36 10.32 -27.64
C TYR B 192 -8.61 9.96 -26.85
N ALA B 193 -8.75 8.68 -26.54
CA ALA B 193 -9.97 8.21 -25.91
C ALA B 193 -9.70 7.16 -24.84
N CYS B 194 -10.42 7.26 -23.74
CA CYS B 194 -10.41 6.13 -22.81
C CYS B 194 -11.81 5.53 -22.75
N GLU B 195 -11.86 4.19 -22.86
CA GLU B 195 -13.12 3.46 -22.84
C GLU B 195 -13.21 2.68 -21.55
N VAL B 196 -14.31 2.88 -20.83
CA VAL B 196 -14.50 2.31 -19.50
C VAL B 196 -15.62 1.29 -19.45
N THR B 197 -15.30 0.11 -18.92
CA THR B 197 -16.24 -0.98 -18.72
C THR B 197 -16.44 -1.23 -17.23
N HIS B 198 -17.69 -1.21 -16.78
CA HIS B 198 -18.00 -1.49 -15.39
C HIS B 198 -19.42 -2.01 -15.34
N GLN B 199 -19.73 -2.94 -14.44
CA GLN B 199 -21.06 -3.55 -14.49
C GLN B 199 -22.20 -2.60 -14.10
N GLY B 200 -21.87 -1.47 -13.48
CA GLY B 200 -22.89 -0.48 -13.14
C GLY B 200 -23.34 0.36 -14.31
N LEU B 201 -22.60 0.29 -15.41
CA LEU B 201 -22.91 1.07 -16.60
C LEU B 201 -23.88 0.30 -17.50
N SER B 202 -24.91 0.99 -17.96
CA SER B 202 -25.85 0.41 -18.92
C SER B 202 -25.12 0.04 -20.21
N SER B 203 -24.10 0.84 -20.53
CA SER B 203 -23.26 0.61 -21.71
C SER B 203 -21.84 1.11 -21.40
N PRO B 204 -20.82 0.49 -22.00
CA PRO B 204 -19.45 1.00 -21.89
C PRO B 204 -19.37 2.48 -22.24
N VAL B 205 -18.50 3.22 -21.56
CA VAL B 205 -18.44 4.67 -21.73
C VAL B 205 -17.10 5.10 -22.34
N THR B 206 -17.17 5.94 -23.38
CA THR B 206 -15.99 6.51 -24.01
C THR B 206 -15.92 8.00 -23.70
N LYS B 207 -14.79 8.45 -23.17
CA LYS B 207 -14.52 9.89 -23.06
C LYS B 207 -13.32 10.19 -23.92
N SER B 208 -13.41 11.23 -24.73
CA SER B 208 -12.34 11.53 -25.67
C SER B 208 -12.13 13.01 -25.89
N PHE B 209 -10.99 13.34 -26.48
CA PHE B 209 -10.75 14.69 -27.01
C PHE B 209 -9.93 14.60 -28.29
N ASN B 210 -9.99 15.68 -29.07
CA ASN B 210 -9.11 15.82 -30.22
C ASN B 210 -7.96 16.76 -29.86
N ARG B 211 -6.73 16.30 -30.06
CA ARG B 211 -5.55 17.09 -29.75
C ARG B 211 -5.60 18.43 -30.46
N GLY B 212 -5.45 19.51 -29.70
CA GLY B 212 -5.53 20.85 -30.25
C GLY B 212 -6.83 21.56 -29.92
N ALA C 1 7.83 -26.02 18.01
CA ALA C 1 8.09 -24.81 17.25
C ALA C 1 9.58 -24.47 17.34
N VAL C 2 10.05 -23.64 16.42
CA VAL C 2 11.44 -23.20 16.45
C VAL C 2 11.73 -22.38 17.71
N GLY C 3 12.99 -22.38 18.12
CA GLY C 3 13.39 -21.64 19.31
C GLY C 3 14.83 -21.18 19.20
N ILE C 4 15.13 -20.08 19.86
CA ILE C 4 16.47 -19.48 19.81
C ILE C 4 17.16 -19.41 21.19
N GLY C 5 16.69 -20.21 22.14
CA GLY C 5 17.40 -20.34 23.41
C GLY C 5 16.78 -19.57 24.57
N ALA C 6 17.38 -19.72 25.75
CA ALA C 6 16.88 -19.06 26.95
C ALA C 6 16.97 -17.54 26.89
N VAL C 7 16.04 -16.87 27.56
CA VAL C 7 16.05 -15.41 27.64
C VAL C 7 16.13 -14.97 29.09
N PHE C 8 16.07 -13.68 29.34
CA PHE C 8 16.25 -13.15 30.69
C PHE C 8 15.15 -12.15 31.03
#